data_1Z34
#
_entry.id   1Z34
#
_cell.length_a   136.800
_cell.length_b   136.800
_cell.length_c   136.800
_cell.angle_alpha   90.00
_cell.angle_beta   90.00
_cell.angle_gamma   90.00
#
_symmetry.space_group_name_H-M   'P 41 3 2'
#
loop_
_entity.id
_entity.type
_entity.pdbx_description
1 polymer 'purine nucleoside phosphorylase'
2 non-polymer 5-(6-AMINO-2-FLUORO-PURIN-9-YL)-2-HYDROXYMETHYL-TETRAHYDRO-FURAN-3-OL
3 water water
#
_entity_poly.entity_id   1
_entity_poly.type   'polypeptide(L)'
_entity_poly.pdbx_seq_one_letter_code
;ATPHNSAQVGDFAETVLMCGDPLRAKLIAETYLENPKLVNNVRGIQGYTGTYKGKPISVMGHGMGLPSICIYAEELYSTY
KVKTIIRVGTCGAIDMDIHTRDIVIFTSAGTNSKINRIRFMDHDYPATASFDVVCALVDAAKELNIPAKVGKGFSTDLFY
NPQTELAQLMNKFHFLAVEMESAGLFPIADLYGARAGCICTVSDHILHHEETTAEERQNSFQNMMKIALEAAIKL
;
_entity_poly.pdbx_strand_id   A
#
# COMPACT_ATOMS: atom_id res chain seq x y z
N ALA A 1 1.56 17.57 -16.05
CA ALA A 1 2.95 17.53 -15.54
C ALA A 1 3.65 16.23 -15.95
N THR A 2 2.95 15.11 -15.80
CA THR A 2 3.52 13.81 -16.19
C THR A 2 2.52 13.12 -17.11
N PRO A 3 2.97 12.05 -17.79
CA PRO A 3 2.09 11.32 -18.71
C PRO A 3 0.89 10.69 -18.01
N HIS A 4 0.95 10.55 -16.69
CA HIS A 4 -0.13 9.92 -15.93
C HIS A 4 -0.73 10.79 -14.83
N ASN A 5 -0.34 12.07 -14.80
CA ASN A 5 -0.81 12.99 -13.77
C ASN A 5 -0.89 14.40 -14.32
N SER A 6 -2.08 14.99 -14.31
CA SER A 6 -2.26 16.36 -14.82
C SER A 6 -2.01 17.43 -13.76
N ALA A 7 -1.86 17.00 -12.51
CA ALA A 7 -1.63 17.94 -11.42
C ALA A 7 -0.25 18.54 -11.52
N GLN A 8 -0.03 19.63 -10.79
CA GLN A 8 1.27 20.28 -10.79
C GLN A 8 1.85 20.21 -9.39
N VAL A 9 3.16 20.41 -9.29
CA VAL A 9 3.85 20.37 -8.01
C VAL A 9 3.10 21.24 -7.00
N GLY A 10 2.75 20.65 -5.87
CA GLY A 10 2.03 21.37 -4.83
C GLY A 10 0.59 20.91 -4.66
N ASP A 11 0.03 20.29 -5.70
CA ASP A 11 -1.35 19.80 -5.64
C ASP A 11 -1.49 18.58 -4.75
N PHE A 12 -0.40 17.84 -4.56
CA PHE A 12 -0.40 16.65 -3.72
C PHE A 12 0.24 16.95 -2.38
N ALA A 13 -0.34 16.38 -1.33
CA ALA A 13 0.20 16.54 0.02
C ALA A 13 1.50 15.74 0.06
N GLU A 14 2.31 15.94 1.10
CA GLU A 14 3.56 15.20 1.19
C GLU A 14 3.33 13.76 1.61
N THR A 15 2.10 13.46 2.01
CA THR A 15 1.72 12.11 2.41
C THR A 15 0.56 11.68 1.53
N VAL A 16 0.71 10.55 0.86
CA VAL A 16 -0.33 10.05 -0.02
C VAL A 16 -0.73 8.61 0.29
N LEU A 17 -2.03 8.39 0.47
CA LEU A 17 -2.54 7.06 0.73
C LEU A 17 -2.95 6.52 -0.63
N MET A 18 -2.51 5.31 -0.96
CA MET A 18 -2.86 4.74 -2.25
C MET A 18 -3.46 3.35 -2.14
N CYS A 19 -4.40 3.07 -3.04
CA CYS A 19 -5.06 1.77 -3.11
C CYS A 19 -5.24 1.45 -4.59
N GLY A 20 -5.42 0.17 -4.91
CA GLY A 20 -5.58 -0.22 -6.29
C GLY A 20 -6.87 0.27 -6.94
N ASP A 21 -7.99 0.11 -6.23
CA ASP A 21 -9.29 0.51 -6.73
C ASP A 21 -9.52 2.02 -6.71
N PRO A 22 -9.60 2.66 -7.90
CA PRO A 22 -9.82 4.10 -8.02
C PRO A 22 -11.13 4.54 -7.37
N LEU A 23 -12.14 3.68 -7.43
CA LEU A 23 -13.43 4.00 -6.83
C LEU A 23 -13.34 3.97 -5.32
N ARG A 24 -12.38 3.20 -4.80
CA ARG A 24 -12.16 3.11 -3.37
C ARG A 24 -11.43 4.38 -2.92
N ALA A 25 -10.54 4.87 -3.78
CA ALA A 25 -9.79 6.08 -3.48
C ALA A 25 -10.76 7.26 -3.41
N LYS A 26 -11.78 7.22 -4.26
CA LYS A 26 -12.78 8.27 -4.29
C LYS A 26 -13.62 8.21 -3.02
N LEU A 27 -14.05 7.00 -2.67
CA LEU A 27 -14.85 6.77 -1.47
C LEU A 27 -14.09 7.19 -0.21
N ILE A 28 -12.79 6.93 -0.18
CA ILE A 28 -11.96 7.28 0.96
C ILE A 28 -11.88 8.80 1.11
N ALA A 29 -11.78 9.50 -0.03
CA ALA A 29 -11.69 10.96 -0.02
C ALA A 29 -12.98 11.60 0.48
N GLU A 30 -14.11 11.10 0.02
CA GLU A 30 -15.42 11.62 0.40
C GLU A 30 -15.77 11.26 1.84
N THR A 31 -15.32 10.09 2.27
CA THR A 31 -15.63 9.60 3.61
C THR A 31 -14.70 10.06 4.74
N TYR A 32 -13.40 10.16 4.48
CA TYR A 32 -12.47 10.56 5.54
C TYR A 32 -11.81 11.93 5.41
N LEU A 33 -11.76 12.48 4.22
CA LEU A 33 -11.12 13.78 4.04
C LEU A 33 -12.10 14.94 4.06
N GLU A 34 -11.62 16.11 4.50
CA GLU A 34 -12.45 17.30 4.54
C GLU A 34 -12.07 18.18 3.37
N ASN A 35 -13.07 18.70 2.67
CA ASN A 35 -12.83 19.56 1.52
C ASN A 35 -11.98 18.86 0.46
N PRO A 36 -12.27 17.59 0.17
CA PRO A 36 -11.49 16.86 -0.83
C PRO A 36 -11.63 17.46 -2.23
N LYS A 37 -10.51 17.70 -2.88
CA LYS A 37 -10.52 18.26 -4.23
C LYS A 37 -9.80 17.34 -5.21
N LEU A 38 -10.44 17.05 -6.33
CA LEU A 38 -9.86 16.19 -7.36
C LEU A 38 -8.68 16.90 -8.01
N VAL A 39 -7.47 16.38 -7.78
CA VAL A 39 -6.26 17.00 -8.35
C VAL A 39 -5.70 16.26 -9.55
N ASN A 40 -6.20 15.06 -9.82
CA ASN A 40 -5.75 14.28 -10.96
C ASN A 40 -6.70 13.14 -11.27
N ASN A 41 -7.14 13.05 -12.52
CA ASN A 41 -8.03 11.97 -12.90
C ASN A 41 -7.63 11.36 -14.24
N VAL A 42 -6.35 11.52 -14.59
CA VAL A 42 -5.85 10.94 -15.83
C VAL A 42 -6.06 9.44 -15.65
N ARG A 43 -6.64 8.80 -16.67
CA ARG A 43 -6.92 7.37 -16.62
C ARG A 43 -7.90 7.04 -15.50
N GLY A 44 -8.63 8.06 -15.06
CA GLY A 44 -9.62 7.89 -14.00
C GLY A 44 -9.01 7.35 -12.72
N ILE A 45 -7.76 7.70 -12.46
CA ILE A 45 -7.04 7.23 -11.28
C ILE A 45 -7.58 7.80 -9.96
N GLN A 46 -8.43 8.80 -10.04
CA GLN A 46 -9.04 9.44 -8.86
C GLN A 46 -8.06 9.97 -7.81
N GLY A 47 -7.24 10.93 -8.18
CA GLY A 47 -6.29 11.51 -7.24
C GLY A 47 -6.88 12.72 -6.52
N TYR A 48 -7.08 12.58 -5.22
CA TYR A 48 -7.64 13.68 -4.42
C TYR A 48 -6.69 14.23 -3.36
N THR A 49 -6.94 15.47 -2.97
CA THR A 49 -6.15 16.13 -1.93
C THR A 49 -7.10 16.92 -1.04
N GLY A 50 -7.02 16.64 0.26
CA GLY A 50 -7.86 17.32 1.22
C GLY A 50 -7.09 17.39 2.53
N THR A 51 -7.81 17.38 3.64
CA THR A 51 -7.16 17.43 4.93
C THR A 51 -7.81 16.46 5.91
N TYR A 52 -7.01 16.01 6.87
CA TYR A 52 -7.48 15.10 7.91
C TYR A 52 -6.93 15.71 9.19
N LYS A 53 -7.83 16.13 10.08
CA LYS A 53 -7.46 16.78 11.33
C LYS A 53 -6.60 18.00 11.01
N GLY A 54 -6.98 18.71 9.95
CA GLY A 54 -6.27 19.91 9.53
C GLY A 54 -5.01 19.74 8.71
N LYS A 55 -4.49 18.52 8.62
CA LYS A 55 -3.27 18.30 7.84
C LYS A 55 -3.53 17.83 6.41
N PRO A 56 -2.77 18.39 5.45
CA PRO A 56 -2.91 18.03 4.04
C PRO A 56 -2.62 16.55 3.82
N ILE A 57 -3.48 15.90 3.05
CA ILE A 57 -3.31 14.49 2.76
C ILE A 57 -3.98 14.17 1.43
N SER A 58 -3.32 13.34 0.64
CA SER A 58 -3.85 12.95 -0.66
C SER A 58 -4.14 11.46 -0.69
N VAL A 59 -5.08 11.08 -1.55
CA VAL A 59 -5.46 9.70 -1.73
C VAL A 59 -5.61 9.51 -3.24
N MET A 60 -5.12 8.39 -3.76
CA MET A 60 -5.19 8.14 -5.19
C MET A 60 -5.05 6.66 -5.51
N GLY A 61 -5.62 6.25 -6.64
CA GLY A 61 -5.51 4.87 -7.05
C GLY A 61 -4.11 4.65 -7.59
N HIS A 62 -3.70 3.39 -7.72
CA HIS A 62 -2.38 3.07 -8.25
C HIS A 62 -2.40 1.87 -9.20
N GLY A 63 -3.60 1.40 -9.54
CA GLY A 63 -3.73 0.25 -10.43
C GLY A 63 -3.33 -1.06 -9.76
N MET A 64 -3.29 -2.14 -10.53
CA MET A 64 -2.90 -3.44 -9.99
C MET A 64 -1.57 -3.90 -10.57
N GLY A 65 -0.69 -4.40 -9.72
CA GLY A 65 0.61 -4.88 -10.18
C GLY A 65 1.77 -3.93 -9.94
N LEU A 66 2.98 -4.48 -9.84
CA LEU A 66 4.16 -3.67 -9.63
C LEU A 66 4.44 -2.63 -10.71
N PRO A 67 4.28 -2.99 -11.98
CA PRO A 67 4.55 -2.00 -13.04
C PRO A 67 3.69 -0.75 -12.91
N SER A 68 2.44 -0.93 -12.50
CA SER A 68 1.52 0.19 -12.36
C SER A 68 1.89 1.12 -11.20
N ILE A 69 2.04 0.55 -10.01
CA ILE A 69 2.39 1.37 -8.86
C ILE A 69 3.79 2.00 -8.99
N CYS A 70 4.69 1.33 -9.71
CA CYS A 70 6.03 1.89 -9.89
C CYS A 70 5.95 3.21 -10.66
N ILE A 71 5.05 3.26 -11.64
CA ILE A 71 4.89 4.48 -12.41
C ILE A 71 4.42 5.62 -11.50
N TYR A 72 3.30 5.39 -10.82
CA TYR A 72 2.71 6.37 -9.93
C TYR A 72 3.61 6.81 -8.78
N ALA A 73 4.23 5.86 -8.10
CA ALA A 73 5.10 6.17 -6.97
C ALA A 73 6.32 6.98 -7.39
N GLU A 74 6.97 6.58 -8.48
CA GLU A 74 8.15 7.31 -8.94
C GLU A 74 7.83 8.75 -9.34
N GLU A 75 6.70 8.96 -10.01
CA GLU A 75 6.31 10.31 -10.42
C GLU A 75 5.98 11.17 -9.21
N LEU A 76 5.33 10.56 -8.22
CA LEU A 76 4.96 11.26 -7.00
C LEU A 76 6.17 11.72 -6.19
N TYR A 77 7.17 10.85 -6.05
CA TYR A 77 8.35 11.21 -5.28
C TYR A 77 9.22 12.19 -6.05
N SER A 78 9.41 11.90 -7.33
CA SER A 78 10.25 12.72 -8.20
C SER A 78 9.67 14.08 -8.59
N THR A 79 8.48 14.08 -9.17
CA THR A 79 7.86 15.32 -9.62
C THR A 79 7.05 16.11 -8.60
N TYR A 80 6.21 15.41 -7.84
CA TYR A 80 5.38 16.11 -6.86
C TYR A 80 5.97 16.23 -5.47
N LYS A 81 7.22 15.85 -5.32
CA LYS A 81 7.94 15.94 -4.05
C LYS A 81 7.24 15.29 -2.86
N VAL A 82 6.46 14.26 -3.11
CA VAL A 82 5.77 13.55 -2.04
C VAL A 82 6.85 12.92 -1.16
N LYS A 83 6.60 12.83 0.13
CA LYS A 83 7.59 12.28 1.06
C LYS A 83 7.22 10.89 1.56
N THR A 84 5.94 10.65 1.77
CA THR A 84 5.48 9.37 2.28
C THR A 84 4.29 8.80 1.52
N ILE A 85 4.41 7.55 1.13
CA ILE A 85 3.33 6.86 0.43
C ILE A 85 2.93 5.66 1.25
N ILE A 86 1.66 5.58 1.60
CA ILE A 86 1.18 4.44 2.37
C ILE A 86 0.16 3.69 1.53
N ARG A 87 0.47 2.44 1.21
CA ARG A 87 -0.47 1.63 0.45
C ARG A 87 -1.50 1.06 1.44
N VAL A 88 -2.76 1.30 1.11
CA VAL A 88 -3.86 0.83 1.94
C VAL A 88 -4.73 -0.03 1.01
N GLY A 89 -5.31 -1.10 1.54
CA GLY A 89 -6.14 -1.93 0.69
C GLY A 89 -6.44 -3.33 1.20
N THR A 90 -6.60 -4.25 0.26
CA THR A 90 -6.91 -5.63 0.59
C THR A 90 -5.79 -6.56 0.18
N CYS A 91 -5.84 -7.79 0.67
CA CYS A 91 -4.82 -8.78 0.35
C CYS A 91 -5.36 -10.18 0.62
N GLY A 92 -4.63 -11.18 0.14
CA GLY A 92 -5.03 -12.56 0.34
C GLY A 92 -4.14 -13.22 1.38
N ALA A 93 -4.74 -13.78 2.43
CA ALA A 93 -3.97 -14.42 3.49
C ALA A 93 -3.24 -15.66 2.98
N ILE A 94 -2.05 -15.88 3.51
CA ILE A 94 -1.25 -17.04 3.14
C ILE A 94 -1.14 -17.94 4.36
N ASP A 95 -0.50 -17.40 5.40
CA ASP A 95 -0.30 -18.13 6.64
C ASP A 95 -1.60 -18.70 7.20
N MET A 96 -1.53 -19.95 7.64
CA MET A 96 -2.69 -20.64 8.21
C MET A 96 -3.24 -19.98 9.46
N ASP A 97 -2.43 -19.21 10.17
CA ASP A 97 -2.89 -18.54 11.39
C ASP A 97 -3.46 -17.14 11.12
N ILE A 98 -3.45 -16.73 9.86
CA ILE A 98 -3.99 -15.43 9.46
C ILE A 98 -5.38 -15.73 8.88
N HIS A 99 -6.36 -14.91 9.22
CA HIS A 99 -7.73 -15.13 8.74
C HIS A 99 -8.36 -13.93 8.06
N THR A 100 -9.40 -14.19 7.28
CA THR A 100 -10.10 -13.15 6.55
C THR A 100 -10.56 -12.09 7.56
N ARG A 101 -10.41 -10.83 7.16
CA ARG A 101 -10.78 -9.67 7.99
C ARG A 101 -9.64 -9.21 8.89
N ASP A 102 -8.58 -10.01 8.99
CA ASP A 102 -7.43 -9.62 9.78
C ASP A 102 -6.77 -8.41 9.10
N ILE A 103 -6.05 -7.61 9.88
CA ILE A 103 -5.36 -6.46 9.35
C ILE A 103 -3.86 -6.75 9.41
N VAL A 104 -3.18 -6.57 8.28
CA VAL A 104 -1.75 -6.87 8.21
C VAL A 104 -0.89 -5.67 7.84
N ILE A 105 0.19 -5.50 8.60
CA ILE A 105 1.13 -4.41 8.36
C ILE A 105 2.42 -5.06 7.86
N PHE A 106 2.83 -4.71 6.64
CA PHE A 106 4.03 -5.31 6.06
C PHE A 106 5.36 -4.73 6.52
N THR A 107 6.25 -5.62 6.94
CA THR A 107 7.59 -5.22 7.35
C THR A 107 8.37 -5.16 6.04
N SER A 108 7.95 -6.01 5.11
CA SER A 108 8.60 -6.13 3.82
C SER A 108 7.75 -6.98 2.87
N ALA A 109 8.18 -7.11 1.63
CA ALA A 109 7.43 -7.90 0.67
C ALA A 109 8.32 -8.65 -0.30
N GLY A 110 8.04 -9.93 -0.48
CA GLY A 110 8.81 -10.74 -1.41
C GLY A 110 8.10 -10.59 -2.74
N THR A 111 8.65 -11.17 -3.81
CA THR A 111 8.00 -11.06 -5.11
C THR A 111 8.55 -12.06 -6.12
N ASN A 112 7.75 -12.35 -7.14
CA ASN A 112 8.18 -13.24 -8.21
C ASN A 112 8.39 -12.39 -9.48
N SER A 113 8.44 -11.07 -9.27
CA SER A 113 8.67 -10.12 -10.34
C SER A 113 10.17 -9.99 -10.60
N LYS A 114 10.54 -9.44 -11.75
CA LYS A 114 11.96 -9.25 -12.07
C LYS A 114 12.42 -7.80 -11.86
N ILE A 115 11.49 -6.90 -11.56
CA ILE A 115 11.81 -5.48 -11.39
C ILE A 115 12.97 -5.16 -10.45
N ASN A 116 12.96 -5.74 -9.25
CA ASN A 116 14.02 -5.45 -8.28
C ASN A 116 15.36 -6.03 -8.70
N ARG A 117 15.34 -7.14 -9.43
CA ARG A 117 16.58 -7.74 -9.91
C ARG A 117 17.16 -6.84 -11.00
N ILE A 118 16.29 -6.23 -11.80
CA ILE A 118 16.74 -5.34 -12.87
C ILE A 118 17.40 -4.09 -12.29
N ARG A 119 16.83 -3.55 -11.22
CA ARG A 119 17.42 -2.36 -10.60
C ARG A 119 18.55 -2.66 -9.62
N PHE A 120 18.72 -3.93 -9.26
CA PHE A 120 19.75 -4.29 -8.29
C PHE A 120 20.79 -5.30 -8.80
N MET A 121 21.27 -5.10 -10.02
CA MET A 121 22.27 -5.96 -10.63
C MET A 121 22.03 -7.47 -10.47
N ASP A 122 20.78 -7.88 -10.67
CA ASP A 122 20.38 -9.28 -10.57
C ASP A 122 20.63 -9.93 -9.20
N HIS A 123 20.76 -9.13 -8.15
CA HIS A 123 20.94 -9.68 -6.81
C HIS A 123 19.61 -9.62 -6.05
N ASP A 124 19.63 -10.02 -4.78
CA ASP A 124 18.42 -10.02 -3.95
C ASP A 124 18.25 -8.70 -3.21
N TYR A 125 17.27 -7.91 -3.64
CA TYR A 125 17.01 -6.64 -2.99
C TYR A 125 15.90 -6.91 -1.98
N PRO A 126 16.09 -6.49 -0.72
CA PRO A 126 15.05 -6.73 0.28
C PRO A 126 14.01 -5.59 0.27
N ALA A 127 12.91 -5.81 -0.43
CA ALA A 127 11.85 -4.79 -0.50
C ALA A 127 11.34 -4.60 0.92
N THR A 128 11.88 -3.59 1.59
CA THR A 128 11.54 -3.30 2.97
C THR A 128 10.74 -2.02 3.17
N ALA A 129 9.70 -2.11 3.99
CA ALA A 129 8.87 -0.96 4.28
C ALA A 129 9.73 -0.01 5.11
N SER A 130 9.53 1.30 4.96
CA SER A 130 10.29 2.27 5.73
C SER A 130 10.03 2.01 7.22
N PHE A 131 11.09 1.85 7.99
CA PHE A 131 10.94 1.59 9.42
C PHE A 131 10.07 2.63 10.14
N ASP A 132 10.17 3.89 9.75
CA ASP A 132 9.36 4.94 10.36
C ASP A 132 7.88 4.68 10.09
N VAL A 133 7.57 4.28 8.86
CA VAL A 133 6.18 4.01 8.48
C VAL A 133 5.66 2.77 9.19
N VAL A 134 6.50 1.74 9.33
CA VAL A 134 6.07 0.53 10.02
C VAL A 134 5.76 0.91 11.47
N CYS A 135 6.65 1.67 12.08
CA CYS A 135 6.45 2.10 13.46
C CYS A 135 5.21 2.95 13.64
N ALA A 136 4.99 3.92 12.74
CA ALA A 136 3.81 4.77 12.83
C ALA A 136 2.54 3.94 12.74
N LEU A 137 2.54 2.96 11.84
CA LEU A 137 1.37 2.10 11.65
C LEU A 137 1.12 1.21 12.86
N VAL A 138 2.18 0.65 13.43
CA VAL A 138 2.05 -0.20 14.60
C VAL A 138 1.59 0.62 15.81
N ASP A 139 2.20 1.78 16.01
CA ASP A 139 1.84 2.63 17.14
C ASP A 139 0.37 3.05 17.03
N ALA A 140 -0.04 3.44 15.81
CA ALA A 140 -1.42 3.84 15.61
C ALA A 140 -2.31 2.66 15.97
N ALA A 141 -1.90 1.47 15.54
CA ALA A 141 -2.65 0.26 15.84
C ALA A 141 -2.72 0.03 17.36
N LYS A 142 -1.61 0.27 18.05
CA LYS A 142 -1.57 0.09 19.50
C LYS A 142 -2.40 1.14 20.23
N GLU A 143 -2.29 2.40 19.78
CA GLU A 143 -3.04 3.50 20.39
C GLU A 143 -4.55 3.33 20.18
N LEU A 144 -4.94 2.87 18.99
CA LEU A 144 -6.34 2.67 18.69
C LEU A 144 -6.73 1.30 19.24
N ASN A 145 -5.72 0.57 19.70
CA ASN A 145 -5.89 -0.77 20.26
C ASN A 145 -6.61 -1.70 19.28
N ILE A 146 -6.16 -1.67 18.03
CA ILE A 146 -6.74 -2.52 17.00
C ILE A 146 -5.73 -3.63 16.69
N PRO A 147 -6.14 -4.89 16.87
CA PRO A 147 -5.26 -6.04 16.62
C PRO A 147 -4.78 -6.04 15.17
N ALA A 148 -3.47 -6.12 14.98
CA ALA A 148 -2.91 -6.13 13.65
C ALA A 148 -1.67 -7.01 13.62
N LYS A 149 -1.52 -7.79 12.56
CA LYS A 149 -0.36 -8.68 12.44
C LYS A 149 0.72 -7.98 11.64
N VAL A 150 1.94 -8.04 12.14
CA VAL A 150 3.08 -7.42 11.49
C VAL A 150 3.98 -8.52 10.93
N GLY A 151 4.33 -8.41 9.66
CA GLY A 151 5.18 -9.42 9.05
C GLY A 151 5.33 -9.29 7.55
N LYS A 152 5.98 -10.28 6.94
CA LYS A 152 6.24 -10.29 5.50
C LYS A 152 5.02 -10.42 4.62
N GLY A 153 5.06 -9.72 3.50
CA GLY A 153 4.00 -9.80 2.52
C GLY A 153 4.64 -10.38 1.27
N PHE A 154 3.84 -10.60 0.24
CA PHE A 154 4.36 -11.10 -1.02
C PHE A 154 3.58 -10.41 -2.12
N SER A 155 4.31 -9.83 -3.07
CA SER A 155 3.71 -9.12 -4.19
C SER A 155 3.87 -10.02 -5.41
N THR A 156 2.77 -10.61 -5.85
CA THR A 156 2.82 -11.50 -7.00
C THR A 156 2.49 -10.77 -8.30
N ASP A 157 3.12 -11.24 -9.37
CA ASP A 157 2.90 -10.70 -10.71
C ASP A 157 1.72 -11.48 -11.29
N LEU A 158 1.40 -12.62 -10.66
CA LEU A 158 0.33 -13.49 -11.15
C LEU A 158 -0.80 -13.76 -10.16
N PHE A 159 -1.89 -13.00 -10.26
CA PHE A 159 -3.03 -13.22 -9.37
C PHE A 159 -3.41 -14.70 -9.50
N TYR A 160 -3.49 -15.17 -10.74
CA TYR A 160 -3.77 -16.58 -11.01
C TYR A 160 -2.40 -17.22 -11.24
N ASN A 161 -1.81 -17.72 -10.16
CA ASN A 161 -0.48 -18.31 -10.19
C ASN A 161 -0.42 -19.77 -10.62
N PRO A 162 0.32 -20.05 -11.72
CA PRO A 162 0.48 -21.41 -12.25
C PRO A 162 1.24 -22.29 -11.26
N GLN A 163 2.11 -21.68 -10.47
CA GLN A 163 2.91 -22.39 -9.48
C GLN A 163 2.10 -22.60 -8.21
N THR A 164 1.24 -23.61 -8.24
CA THR A 164 0.36 -23.94 -7.12
C THR A 164 1.07 -24.29 -5.82
N GLU A 165 2.34 -24.69 -5.91
CA GLU A 165 3.10 -25.03 -4.71
C GLU A 165 3.63 -23.84 -3.93
N LEU A 166 3.76 -22.69 -4.60
CA LEU A 166 4.28 -21.50 -3.96
C LEU A 166 3.51 -21.12 -2.69
N ALA A 167 2.19 -21.16 -2.77
CA ALA A 167 1.33 -20.81 -1.64
C ALA A 167 1.71 -21.58 -0.38
N GLN A 168 1.83 -22.90 -0.48
CA GLN A 168 2.21 -23.70 0.67
C GLN A 168 3.63 -23.41 1.14
N LEU A 169 4.53 -23.12 0.19
CA LEU A 169 5.90 -22.80 0.55
C LEU A 169 5.91 -21.52 1.38
N MET A 170 5.16 -20.53 0.95
CA MET A 170 5.09 -19.27 1.67
C MET A 170 4.47 -19.43 3.05
N ASN A 171 3.52 -20.36 3.17
CA ASN A 171 2.88 -20.60 4.46
C ASN A 171 3.93 -21.19 5.41
N LYS A 172 4.82 -22.04 4.88
CA LYS A 172 5.87 -22.64 5.70
C LYS A 172 6.86 -21.58 6.20
N PHE A 173 7.09 -20.55 5.39
CA PHE A 173 8.00 -19.48 5.78
C PHE A 173 7.26 -18.36 6.47
N HIS A 174 5.96 -18.59 6.67
CA HIS A 174 5.09 -17.66 7.36
C HIS A 174 4.85 -16.28 6.73
N PHE A 175 4.71 -16.25 5.40
CA PHE A 175 4.39 -14.98 4.76
C PHE A 175 2.95 -14.76 5.22
N LEU A 176 2.63 -13.52 5.56
CA LEU A 176 1.31 -13.20 6.06
C LEU A 176 0.21 -13.09 5.01
N ALA A 177 0.51 -12.39 3.92
CA ALA A 177 -0.48 -12.18 2.88
C ALA A 177 0.13 -11.82 1.53
N VAL A 178 -0.72 -11.88 0.50
CA VAL A 178 -0.31 -11.56 -0.86
C VAL A 178 -1.09 -10.40 -1.45
N GLU A 179 -0.36 -9.53 -2.14
CA GLU A 179 -0.96 -8.41 -2.85
C GLU A 179 -0.12 -8.24 -4.11
N MET A 180 -0.18 -7.09 -4.76
CA MET A 180 0.57 -6.96 -6.01
C MET A 180 1.30 -5.63 -6.22
N GLU A 181 1.74 -4.98 -5.15
CA GLU A 181 2.39 -3.69 -5.33
C GLU A 181 3.57 -3.34 -4.42
N SER A 182 3.48 -3.75 -3.15
CA SER A 182 4.51 -3.45 -2.17
C SER A 182 5.97 -3.68 -2.57
N ALA A 183 6.28 -4.84 -3.13
CA ALA A 183 7.65 -5.13 -3.52
C ALA A 183 8.20 -4.08 -4.49
N GLY A 184 7.30 -3.45 -5.26
CA GLY A 184 7.73 -2.43 -6.20
C GLY A 184 7.86 -1.06 -5.56
N LEU A 185 6.90 -0.72 -4.70
CA LEU A 185 6.87 0.57 -4.03
C LEU A 185 8.08 0.84 -3.13
N PHE A 186 8.37 -0.10 -2.23
CA PHE A 186 9.45 0.06 -1.26
C PHE A 186 10.82 0.45 -1.82
N PRO A 187 11.32 -0.26 -2.85
CA PRO A 187 12.63 0.13 -3.36
C PRO A 187 12.65 1.52 -4.01
N ILE A 188 11.51 1.95 -4.56
CA ILE A 188 11.44 3.27 -5.18
C ILE A 188 11.55 4.36 -4.12
N ALA A 189 10.91 4.14 -2.97
CA ALA A 189 10.97 5.11 -1.89
C ALA A 189 12.43 5.26 -1.45
N ASP A 190 13.14 4.14 -1.33
CA ASP A 190 14.55 4.17 -0.93
C ASP A 190 15.37 5.01 -1.91
N LEU A 191 15.23 4.73 -3.20
CA LEU A 191 15.97 5.46 -4.22
C LEU A 191 15.80 6.98 -4.12
N TYR A 192 14.60 7.42 -3.77
CA TYR A 192 14.31 8.85 -3.65
C TYR A 192 14.49 9.38 -2.23
N GLY A 193 15.09 8.56 -1.37
CA GLY A 193 15.30 8.96 0.00
C GLY A 193 13.99 9.33 0.69
N ALA A 194 12.90 8.72 0.23
CA ALA A 194 11.58 8.97 0.77
C ALA A 194 11.08 7.79 1.60
N ARG A 195 9.80 7.77 1.94
CA ARG A 195 9.24 6.70 2.76
C ARG A 195 8.02 6.00 2.16
N ALA A 196 7.86 4.73 2.53
CA ALA A 196 6.73 3.92 2.05
C ALA A 196 6.37 2.84 3.06
N GLY A 197 5.09 2.47 3.06
CA GLY A 197 4.63 1.43 3.96
C GLY A 197 3.39 0.81 3.36
N CYS A 198 2.93 -0.28 3.97
CA CYS A 198 1.74 -0.97 3.49
C CYS A 198 0.95 -1.59 4.61
N ILE A 199 -0.36 -1.43 4.54
CA ILE A 199 -1.27 -2.01 5.52
C ILE A 199 -2.49 -2.51 4.74
N CYS A 200 -2.90 -3.74 4.99
CA CYS A 200 -4.03 -4.32 4.27
C CYS A 200 -5.00 -5.10 5.14
N THR A 201 -6.20 -5.28 4.63
CA THR A 201 -7.21 -6.07 5.30
C THR A 201 -7.42 -7.31 4.43
N VAL A 202 -7.30 -8.48 5.04
CA VAL A 202 -7.48 -9.73 4.32
C VAL A 202 -8.92 -9.91 3.84
N SER A 203 -9.09 -9.97 2.52
CA SER A 203 -10.42 -10.12 1.95
C SER A 203 -10.74 -11.60 1.70
N ASP A 204 -9.72 -12.45 1.80
CA ASP A 204 -9.92 -13.88 1.60
C ASP A 204 -8.62 -14.65 1.89
N HIS A 205 -8.73 -15.97 2.05
CA HIS A 205 -7.56 -16.80 2.31
C HIS A 205 -7.32 -17.66 1.07
N ILE A 206 -6.08 -17.71 0.59
CA ILE A 206 -5.78 -18.47 -0.61
C ILE A 206 -5.61 -19.98 -0.41
N LEU A 207 -5.42 -20.42 0.83
CA LEU A 207 -5.25 -21.85 1.08
C LEU A 207 -6.57 -22.52 1.47
N HIS A 208 -7.60 -21.71 1.69
CA HIS A 208 -8.93 -22.20 2.04
C HIS A 208 -9.91 -21.03 2.19
N HIS A 209 -10.95 -21.05 1.38
CA HIS A 209 -11.96 -19.98 1.41
C HIS A 209 -12.75 -19.98 2.71
N GLU A 210 -12.86 -18.80 3.33
CA GLU A 210 -13.58 -18.65 4.58
C GLU A 210 -14.84 -17.82 4.34
N GLU A 216 -19.31 -6.88 7.91
CA GLU A 216 -18.17 -7.42 8.64
C GLU A 216 -16.85 -7.07 7.96
N ARG A 217 -16.88 -7.02 6.63
CA ARG A 217 -15.69 -6.69 5.85
C ARG A 217 -15.44 -5.18 5.92
N GLN A 218 -16.50 -4.44 6.22
CA GLN A 218 -16.41 -2.98 6.32
C GLN A 218 -15.70 -2.56 7.59
N ASN A 219 -16.10 -3.14 8.73
CA ASN A 219 -15.49 -2.81 10.01
C ASN A 219 -13.98 -2.96 9.91
N SER A 220 -13.55 -4.08 9.35
CA SER A 220 -12.13 -4.36 9.20
C SER A 220 -11.47 -3.31 8.31
N PHE A 221 -12.14 -2.98 7.21
CA PHE A 221 -11.61 -1.99 6.28
C PHE A 221 -11.56 -0.60 6.93
N GLN A 222 -12.58 -0.26 7.70
CA GLN A 222 -12.64 1.04 8.37
C GLN A 222 -11.59 1.13 9.47
N ASN A 223 -11.33 0.02 10.14
CA ASN A 223 -10.34 -0.01 11.20
C ASN A 223 -8.96 0.19 10.58
N MET A 224 -8.75 -0.41 9.41
CA MET A 224 -7.48 -0.27 8.71
C MET A 224 -7.27 1.17 8.29
N MET A 225 -8.34 1.80 7.79
CA MET A 225 -8.26 3.19 7.37
C MET A 225 -7.92 4.09 8.55
N LYS A 226 -8.45 3.76 9.72
CA LYS A 226 -8.17 4.56 10.92
C LYS A 226 -6.67 4.50 11.21
N ILE A 227 -6.11 3.29 11.19
CA ILE A 227 -4.69 3.10 11.45
C ILE A 227 -3.83 3.89 10.47
N ALA A 228 -4.11 3.73 9.17
CA ALA A 228 -3.36 4.41 8.13
C ALA A 228 -3.43 5.93 8.31
N LEU A 229 -4.64 6.43 8.52
CA LEU A 229 -4.86 7.86 8.70
C LEU A 229 -4.16 8.44 9.92
N GLU A 230 -4.30 7.77 11.07
CA GLU A 230 -3.65 8.25 12.28
C GLU A 230 -2.14 8.18 12.11
N ALA A 231 -1.67 7.13 11.43
CA ALA A 231 -0.24 6.95 11.20
C ALA A 231 0.27 8.09 10.31
N ALA A 232 -0.52 8.44 9.29
CA ALA A 232 -0.16 9.53 8.39
C ALA A 232 0.07 10.81 9.19
N ILE A 233 -0.76 11.05 10.20
CA ILE A 233 -0.62 12.24 11.03
C ILE A 233 0.67 12.16 11.85
N LYS A 234 0.93 10.99 12.43
CA LYS A 234 2.14 10.78 13.22
C LYS A 234 3.42 11.05 12.43
N LEU A 235 3.39 10.75 11.13
CA LEU A 235 4.55 10.93 10.28
C LEU A 235 4.73 12.38 9.81
#